data_6GG1
#
_entry.id   6GG1
#
_cell.length_a   38.920
_cell.length_b   65.369
_cell.length_c   67.502
_cell.angle_alpha   90.00
_cell.angle_beta   90.00
_cell.angle_gamma   90.00
#
_symmetry.space_group_name_H-M   'P 21 21 21'
#
loop_
_entity.id
_entity.type
_entity.pdbx_description
1 polymer Interleukin-24
2 non-polymer 'NICKEL (II) ION'
3 non-polymer 'SULFATE ION'
4 water water
#
_entity_poly.entity_id   1
_entity_poly.type   'polypeptide(L)'
_entity_poly.pdbx_seq_one_letter_code
;AFHFGPCRVEGVVPQELWEAFWAVRDTLQAQDNITDVRLLRAEVLQNVSDAESCYLVHQLLRFYLDTVFKNYHNKTAELR
TLKSFSTLANNFVLIVSDLQPCQEQNMCSSREEAHRRFLQFQRAFEQLDVEAAATKALGEIDILLRWMQKFYQL
;
_entity_poly.pdbx_strand_id   A
#
loop_
_chem_comp.id
_chem_comp.type
_chem_comp.name
_chem_comp.formula
NI non-polymer 'NICKEL (II) ION' 'Ni 2'
SO4 non-polymer 'SULFATE ION' 'O4 S -2'
#
# COMPACT_ATOMS: atom_id res chain seq x y z
N ALA A 1 -4.66 -13.08 -11.05
CA ALA A 1 -3.54 -12.18 -10.74
C ALA A 1 -4.08 -10.76 -10.57
N PHE A 2 -3.26 -9.90 -9.99
CA PHE A 2 -3.55 -8.49 -10.01
C PHE A 2 -3.22 -7.94 -11.41
N HIS A 3 -4.08 -7.04 -11.86
CA HIS A 3 -3.89 -6.26 -13.10
C HIS A 3 -4.02 -4.78 -12.76
N PHE A 4 -2.89 -4.13 -12.50
CA PHE A 4 -2.89 -2.72 -12.19
C PHE A 4 -2.57 -1.97 -13.48
N GLY A 5 -3.63 -1.63 -14.23
CA GLY A 5 -3.44 -1.14 -15.57
C GLY A 5 -2.69 -2.19 -16.37
N PRO A 6 -1.56 -1.84 -17.00
CA PRO A 6 -0.82 -2.77 -17.85
C PRO A 6 0.10 -3.72 -17.10
N CYS A 7 0.16 -3.55 -15.77
CA CYS A 7 1.10 -4.28 -14.96
C CYS A 7 0.43 -5.45 -14.24
N ARG A 8 0.83 -6.65 -14.65
CA ARG A 8 0.37 -7.89 -14.03
C ARG A 8 1.29 -8.21 -12.84
N VAL A 9 0.66 -8.48 -11.70
CA VAL A 9 1.42 -8.81 -10.50
C VAL A 9 1.00 -10.22 -10.09
N GLU A 10 1.98 -11.13 -10.09
CA GLU A 10 1.68 -12.56 -9.91
C GLU A 10 2.14 -13.11 -8.55
N GLY A 11 3.04 -12.45 -7.81
CA GLY A 11 3.66 -13.15 -6.64
C GLY A 11 2.81 -13.25 -5.36
N VAL A 12 1.71 -12.50 -5.26
CA VAL A 12 0.93 -12.29 -4.04
C VAL A 12 -0.55 -12.22 -4.42
N VAL A 13 -1.44 -12.72 -3.55
CA VAL A 13 -2.88 -12.65 -3.76
C VAL A 13 -3.50 -11.98 -2.53
N PRO A 14 -4.73 -11.45 -2.68
CA PRO A 14 -5.36 -10.78 -1.56
C PRO A 14 -5.43 -11.62 -0.27
N GLN A 15 -5.66 -12.94 -0.32
CA GLN A 15 -5.80 -13.72 0.93
C GLN A 15 -4.54 -13.56 1.80
N GLU A 16 -3.36 -13.53 1.14
CA GLU A 16 -2.10 -13.41 1.83
C GLU A 16 -2.00 -12.04 2.52
N LEU A 17 -2.37 -11.00 1.79
CA LEU A 17 -2.33 -9.62 2.30
C LEU A 17 -3.26 -9.49 3.51
N TRP A 18 -4.50 -9.98 3.39
CA TRP A 18 -5.46 -9.85 4.44
C TRP A 18 -5.00 -10.60 5.69
N GLU A 19 -4.54 -11.85 5.53
CA GLU A 19 -4.14 -12.57 6.74
CA GLU A 19 -3.99 -12.66 6.63
C GLU A 19 -2.93 -11.86 7.39
N ALA A 20 -2.02 -11.30 6.61
CA ALA A 20 -0.88 -10.60 7.18
C ALA A 20 -1.35 -9.32 7.89
N PHE A 21 -2.31 -8.62 7.31
CA PHE A 21 -2.83 -7.42 7.93
C PHE A 21 -3.53 -7.75 9.25
N TRP A 22 -4.35 -8.80 9.32
CA TRP A 22 -5.08 -8.99 10.55
C TRP A 22 -4.11 -9.31 11.70
N ALA A 23 -3.02 -10.00 11.44
CA ALA A 23 -2.01 -10.26 12.47
C ALA A 23 -1.37 -8.95 12.99
N VAL A 24 -1.01 -8.03 12.06
N VAL A 24 -1.09 -8.00 12.11
CA VAL A 24 -0.42 -6.70 12.37
CA VAL A 24 -0.45 -6.75 12.50
C VAL A 24 -1.46 -5.90 13.17
C VAL A 24 -1.48 -5.89 13.23
N ARG A 25 -2.71 -5.86 12.71
CA ARG A 25 -3.73 -4.99 13.31
C ARG A 25 -3.94 -5.40 14.77
N ASP A 26 -3.83 -6.71 15.01
CA ASP A 26 -4.06 -7.33 16.30
C ASP A 26 -3.00 -6.87 17.32
N THR A 27 -1.86 -6.38 16.85
CA THR A 27 -0.81 -5.80 17.71
C THR A 27 -1.00 -4.29 17.96
N LEU A 28 -1.83 -3.62 17.18
CA LEU A 28 -1.87 -2.15 17.20
C LEU A 28 -2.62 -1.65 18.43
N ARG A 38 -9.42 10.45 7.87
CA ARG A 38 -8.62 9.38 7.25
C ARG A 38 -7.53 9.97 6.36
N LEU A 39 -6.36 9.33 6.36
CA LEU A 39 -5.25 9.69 5.45
C LEU A 39 -5.58 9.25 4.02
N LEU A 40 -6.02 8.00 3.88
CA LEU A 40 -6.48 7.41 2.63
C LEU A 40 -7.98 7.59 2.46
N ARG A 41 -8.37 8.33 1.44
CA ARG A 41 -9.79 8.55 1.18
C ARG A 41 -10.34 7.44 0.27
N ALA A 42 -11.17 6.53 0.83
CA ALA A 42 -11.70 5.40 0.05
C ALA A 42 -12.47 5.90 -1.19
N GLU A 43 -13.21 7.00 -1.03
CA GLU A 43 -14.02 7.55 -2.11
C GLU A 43 -13.11 8.04 -3.24
N VAL A 44 -11.91 8.53 -2.91
CA VAL A 44 -10.99 9.00 -3.94
CA VAL A 44 -11.07 9.00 -3.99
C VAL A 44 -10.41 7.78 -4.64
N LEU A 45 -9.96 6.80 -3.86
CA LEU A 45 -9.33 5.62 -4.44
C LEU A 45 -10.34 4.91 -5.38
N GLN A 46 -11.63 4.84 -5.01
CA GLN A 46 -12.69 4.16 -5.79
C GLN A 46 -12.75 4.64 -7.25
N ASN A 47 -12.47 5.94 -7.51
CA ASN A 47 -12.60 6.47 -8.86
C ASN A 47 -11.26 6.51 -9.62
N VAL A 48 -10.19 5.91 -9.08
CA VAL A 48 -8.91 5.84 -9.80
C VAL A 48 -9.08 4.90 -11.01
N SER A 49 -8.66 5.35 -12.19
CA SER A 49 -8.74 4.55 -13.40
C SER A 49 -7.83 3.33 -13.31
N ASP A 50 -8.13 2.32 -14.12
CA ASP A 50 -7.31 1.14 -14.28
C ASP A 50 -5.89 1.56 -14.66
N ALA A 51 -5.79 2.49 -15.61
CA ALA A 51 -4.49 2.93 -16.13
C ALA A 51 -3.64 3.51 -14.99
N GLU A 52 -4.22 4.39 -14.17
CA GLU A 52 -3.54 5.15 -13.11
C GLU A 52 -3.10 4.25 -11.97
N SER A 53 -3.75 3.09 -11.84
CA SER A 53 -3.58 2.25 -10.68
C SER A 53 -2.14 1.79 -10.53
N CYS A 54 -1.43 1.48 -11.62
CA CYS A 54 -0.04 1.03 -11.53
C CYS A 54 0.83 2.06 -10.81
N TYR A 55 0.76 3.31 -11.26
CA TYR A 55 1.51 4.37 -10.62
C TYR A 55 1.13 4.49 -9.14
N LEU A 56 -0.15 4.56 -8.85
CA LEU A 56 -0.58 4.96 -7.51
C LEU A 56 -0.32 3.84 -6.50
N VAL A 57 -0.62 2.60 -6.87
CA VAL A 57 -0.32 1.48 -5.97
C VAL A 57 1.19 1.47 -5.70
N HIS A 58 2.03 1.61 -6.73
CA HIS A 58 3.46 1.61 -6.55
C HIS A 58 3.86 2.73 -5.58
N GLN A 59 3.36 3.95 -5.80
CA GLN A 59 3.78 5.09 -4.98
C GLN A 59 3.38 4.84 -3.50
N LEU A 60 2.17 4.35 -3.28
CA LEU A 60 1.69 4.13 -1.92
C LEU A 60 2.45 3.01 -1.22
N LEU A 61 2.66 1.89 -1.91
CA LEU A 61 3.41 0.80 -1.30
C LEU A 61 4.86 1.23 -1.04
N ARG A 62 5.50 1.98 -1.93
CA ARG A 62 6.82 2.50 -1.65
C ARG A 62 6.81 3.37 -0.39
N PHE A 63 5.81 4.22 -0.24
CA PHE A 63 5.71 5.10 0.92
C PHE A 63 5.57 4.26 2.20
N TYR A 64 4.71 3.24 2.16
CA TYR A 64 4.64 2.35 3.34
C TYR A 64 6.01 1.73 3.66
N LEU A 65 6.70 1.22 2.66
CA LEU A 65 7.95 0.51 2.84
C LEU A 65 9.09 1.43 3.28
N ASP A 66 9.07 2.70 2.83
CA ASP A 66 10.18 3.62 3.03
C ASP A 66 9.97 4.54 4.24
N THR A 67 8.71 4.89 4.53
CA THR A 67 8.37 5.87 5.55
C THR A 67 7.53 5.25 6.68
N VAL A 68 6.47 4.52 6.38
CA VAL A 68 5.54 4.09 7.42
C VAL A 68 6.17 3.04 8.35
N PHE A 69 6.62 1.93 7.81
CA PHE A 69 7.15 0.85 8.68
C PHE A 69 8.35 1.37 9.46
N LYS A 70 9.18 2.19 8.81
CA LYS A 70 10.40 2.68 9.41
C LYS A 70 10.07 3.50 10.66
N ASN A 71 9.00 4.29 10.61
CA ASN A 71 8.65 5.25 11.65
C ASN A 71 7.66 4.65 12.66
N TYR A 72 7.32 3.37 12.53
CA TYR A 72 6.46 2.72 13.52
C TYR A 72 7.37 1.99 14.52
N HIS A 73 7.61 2.66 15.64
CA HIS A 73 8.61 2.21 16.62
C HIS A 73 8.28 0.83 17.23
N ASN A 74 7.00 0.57 17.45
CA ASN A 74 6.59 -0.56 18.26
C ASN A 74 6.70 -1.90 17.50
N LYS A 75 7.09 -1.91 16.21
CA LYS A 75 7.25 -3.17 15.48
C LYS A 75 8.35 -4.05 16.08
N THR A 76 9.30 -3.48 16.84
CA THR A 76 10.37 -4.27 17.45
C THR A 76 10.08 -4.62 18.92
N ALA A 77 8.83 -4.55 19.36
CA ALA A 77 8.55 -4.74 20.81
C ALA A 77 8.91 -6.16 21.27
N GLU A 78 8.65 -7.14 20.42
CA GLU A 78 9.00 -8.55 20.71
C GLU A 78 9.07 -9.26 19.36
N LEU A 79 9.67 -10.44 19.34
CA LEU A 79 10.01 -11.05 18.05
C LEU A 79 8.75 -11.42 17.27
N ARG A 80 7.68 -11.92 17.91
CA ARG A 80 6.46 -12.29 17.16
C ARG A 80 5.87 -11.06 16.46
N THR A 81 5.86 -9.91 17.14
CA THR A 81 5.38 -8.68 16.55
C THR A 81 6.23 -8.29 15.33
N LEU A 82 7.54 -8.35 15.47
CA LEU A 82 8.41 -8.00 14.36
C LEU A 82 8.11 -8.94 13.20
N LYS A 83 7.96 -10.24 13.46
CA LYS A 83 7.66 -11.21 12.41
C LYS A 83 6.34 -10.85 11.69
N SER A 84 5.32 -10.48 12.43
CA SER A 84 4.03 -10.13 11.80
C SER A 84 4.19 -8.91 10.88
N PHE A 85 4.87 -7.87 11.35
CA PHE A 85 5.11 -6.71 10.50
C PHE A 85 5.94 -7.09 9.27
N SER A 86 6.94 -7.95 9.46
CA SER A 86 7.83 -8.36 8.40
C SER A 86 7.07 -9.13 7.31
N THR A 87 6.15 -10.00 7.70
CA THR A 87 5.37 -10.75 6.74
C THR A 87 4.58 -9.76 5.86
N LEU A 88 3.95 -8.77 6.48
CA LEU A 88 3.18 -7.79 5.72
C LEU A 88 4.08 -6.98 4.78
N ALA A 89 5.21 -6.48 5.27
CA ALA A 89 6.16 -5.75 4.43
C ALA A 89 6.66 -6.63 3.29
N ASN A 90 6.93 -7.91 3.53
CA ASN A 90 7.39 -8.81 2.49
C ASN A 90 6.36 -8.94 1.36
N ASN A 91 5.09 -8.97 1.71
CA ASN A 91 4.03 -9.02 0.72
C ASN A 91 4.04 -7.73 -0.13
N PHE A 92 4.18 -6.60 0.51
CA PHE A 92 4.28 -5.34 -0.25
C PHE A 92 5.49 -5.34 -1.18
N VAL A 93 6.63 -5.81 -0.71
CA VAL A 93 7.83 -5.87 -1.55
C VAL A 93 7.60 -6.78 -2.77
N LEU A 94 6.97 -7.91 -2.56
CA LEU A 94 6.75 -8.78 -3.68
C LEU A 94 5.87 -8.11 -4.75
N ILE A 95 4.87 -7.33 -4.33
CA ILE A 95 4.05 -6.58 -5.29
C ILE A 95 4.88 -5.51 -6.01
N VAL A 96 5.66 -4.71 -5.26
CA VAL A 96 6.46 -3.66 -5.86
CA VAL A 96 6.42 -3.65 -5.92
C VAL A 96 7.52 -4.24 -6.81
N SER A 97 7.97 -5.48 -6.55
CA SER A 97 9.00 -6.10 -7.38
C SER A 97 8.49 -6.35 -8.82
N ASP A 98 7.18 -6.48 -8.99
CA ASP A 98 6.56 -6.50 -10.32
C ASP A 98 6.18 -5.09 -10.83
N LEU A 99 5.72 -4.19 -9.99
CA LEU A 99 5.33 -2.83 -10.41
C LEU A 99 6.53 -1.98 -10.86
N GLN A 100 7.68 -2.11 -10.19
CA GLN A 100 8.84 -1.26 -10.47
C GLN A 100 9.27 -1.45 -11.92
N PRO A 101 9.42 -2.69 -12.42
CA PRO A 101 9.79 -2.91 -13.82
C PRO A 101 8.79 -2.33 -14.82
N CYS A 102 7.49 -2.35 -14.50
CA CYS A 102 6.43 -1.76 -15.32
C CYS A 102 6.61 -0.24 -15.42
N GLN A 103 7.06 0.38 -14.32
CA GLN A 103 7.37 1.78 -14.35
C GLN A 103 8.67 1.97 -15.17
N GLU A 104 9.74 1.18 -14.95
CA GLU A 104 11.05 1.49 -15.60
C GLU A 104 11.03 1.12 -17.10
N GLN A 105 10.05 0.32 -17.54
CA GLN A 105 9.79 0.07 -18.98
C GLN A 105 8.73 1.04 -19.51
N ASN A 106 8.42 2.09 -18.74
CA ASN A 106 7.54 3.19 -19.17
C ASN A 106 6.14 2.65 -19.52
N MET A 107 5.67 1.65 -18.77
CA MET A 107 4.37 1.02 -19.05
C MET A 107 3.22 1.79 -18.36
N CYS A 108 3.50 2.48 -17.24
CA CYS A 108 2.45 2.98 -16.32
C CYS A 108 2.33 4.51 -16.42
N SER A 109 1.14 4.97 -16.77
CA SER A 109 0.84 6.43 -16.88
C SER A 109 0.85 7.07 -15.49
N SER A 110 1.23 8.34 -15.40
CA SER A 110 1.08 9.14 -14.16
C SER A 110 0.76 10.59 -14.55
N ARG A 111 -0.53 10.79 -14.90
CA ARG A 111 -1.02 12.11 -15.25
C ARG A 111 -0.94 13.01 -14.01
N GLU A 112 -0.92 14.32 -14.25
CA GLU A 112 -0.82 15.27 -13.16
C GLU A 112 -1.83 14.97 -12.04
N GLU A 113 -3.07 14.66 -12.38
CA GLU A 113 -4.18 14.34 -11.44
C GLU A 113 -3.74 13.20 -10.49
N ALA A 114 -3.06 12.20 -11.05
CA ALA A 114 -2.61 11.04 -10.30
C ALA A 114 -1.55 11.43 -9.26
N HIS A 115 -0.54 12.18 -9.68
CA HIS A 115 0.43 12.70 -8.70
C HIS A 115 -0.25 13.50 -7.60
N ARG A 116 -1.26 14.30 -7.96
CA ARG A 116 -1.94 15.15 -6.96
C ARG A 116 -2.72 14.27 -5.95
N ARG A 117 -3.26 13.12 -6.39
CA ARG A 117 -3.93 12.25 -5.42
CA ARG A 117 -3.91 12.17 -5.48
C ARG A 117 -2.91 11.71 -4.42
N PHE A 118 -1.72 11.31 -4.87
CA PHE A 118 -0.70 10.88 -3.91
C PHE A 118 -0.32 12.03 -2.98
N LEU A 119 -0.15 13.25 -3.50
CA LEU A 119 0.21 14.39 -2.67
C LEU A 119 -0.87 14.68 -1.62
N GLN A 120 -2.14 14.44 -1.91
CA GLN A 120 -3.22 14.61 -0.93
C GLN A 120 -2.99 13.67 0.26
N PHE A 121 -2.65 12.42 -0.05
CA PHE A 121 -2.27 11.47 1.02
C PHE A 121 -1.05 11.95 1.80
N GLN A 122 0.00 12.35 1.12
CA GLN A 122 1.23 12.71 1.79
C GLN A 122 1.04 13.96 2.67
N ARG A 123 0.26 14.93 2.19
CA ARG A 123 -0.01 16.13 2.99
C ARG A 123 -0.69 15.72 4.31
N ALA A 124 -1.69 14.83 4.21
CA ALA A 124 -2.44 14.37 5.40
C ALA A 124 -1.51 13.66 6.36
N PHE A 125 -0.65 12.79 5.84
CA PHE A 125 0.28 12.03 6.66
C PHE A 125 1.22 12.98 7.42
N GLU A 126 1.69 14.02 6.73
CA GLU A 126 2.68 14.90 7.29
C GLU A 126 2.07 15.91 8.27
N GLN A 127 0.73 15.98 8.41
CA GLN A 127 0.09 16.87 9.44
C GLN A 127 0.40 16.41 10.85
N LEU A 128 0.60 15.10 11.02
CA LEU A 128 0.73 14.49 12.32
C LEU A 128 2.21 14.33 12.64
N ASP A 129 2.52 14.16 13.92
CA ASP A 129 3.84 13.70 14.31
C ASP A 129 4.06 12.35 13.61
N VAL A 130 5.27 12.11 13.13
CA VAL A 130 5.52 10.99 12.22
C VAL A 130 5.22 9.63 12.86
N GLU A 131 5.45 9.45 14.17
CA GLU A 131 5.14 8.16 14.78
CA GLU A 131 5.13 8.17 14.83
C GLU A 131 3.61 7.95 14.85
N ALA A 132 2.86 9.00 15.20
CA ALA A 132 1.40 8.93 15.19
C ALA A 132 0.88 8.72 13.77
N ALA A 133 1.50 9.38 12.80
CA ALA A 133 1.12 9.23 11.39
C ALA A 133 1.35 7.76 10.95
N ALA A 134 2.50 7.19 11.31
CA ALA A 134 2.80 5.83 10.94
C ALA A 134 1.77 4.86 11.53
N THR A 135 1.45 5.03 12.82
CA THR A 135 0.46 4.22 13.50
C THR A 135 -0.90 4.30 12.77
N LYS A 136 -1.32 5.52 12.44
CA LYS A 136 -2.58 5.74 11.77
C LYS A 136 -2.55 5.03 10.40
N ALA A 137 -1.47 5.22 9.64
CA ALA A 137 -1.37 4.67 8.27
C ALA A 137 -1.42 3.14 8.31
N LEU A 138 -0.80 2.51 9.32
CA LEU A 138 -0.86 1.07 9.43
C LEU A 138 -2.29 0.59 9.67
N GLY A 139 -3.01 1.30 10.53
CA GLY A 139 -4.40 0.99 10.79
C GLY A 139 -5.27 1.07 9.54
N GLU A 140 -4.91 1.95 8.60
CA GLU A 140 -5.66 2.16 7.35
C GLU A 140 -5.27 1.18 6.25
N ILE A 141 -4.46 0.16 6.53
CA ILE A 141 -4.11 -0.78 5.49
C ILE A 141 -5.36 -1.52 4.99
N ASP A 142 -6.41 -1.67 5.80
CA ASP A 142 -7.63 -2.26 5.29
C ASP A 142 -8.22 -1.44 4.13
N ILE A 143 -8.18 -0.13 4.24
CA ILE A 143 -8.65 0.75 3.14
C ILE A 143 -7.82 0.47 1.88
N LEU A 144 -6.52 0.42 2.04
CA LEU A 144 -5.61 0.18 0.95
C LEU A 144 -5.90 -1.18 0.28
N LEU A 145 -6.05 -2.23 1.09
CA LEU A 145 -6.23 -3.58 0.56
C LEU A 145 -7.61 -3.74 -0.09
N ARG A 146 -8.64 -3.13 0.46
CA ARG A 146 -9.98 -3.22 -0.14
C ARG A 146 -9.94 -2.58 -1.54
N TRP A 147 -9.21 -1.50 -1.67
CA TRP A 147 -9.03 -0.86 -2.99
C TRP A 147 -8.20 -1.76 -3.91
N MET A 148 -7.06 -2.24 -3.44
CA MET A 148 -6.15 -3.04 -4.28
C MET A 148 -6.83 -4.30 -4.81
N GLN A 149 -7.66 -4.93 -3.98
CA GLN A 149 -8.24 -6.17 -4.43
C GLN A 149 -9.23 -5.96 -5.58
N LYS A 150 -9.73 -4.73 -5.82
CA LYS A 150 -10.56 -4.43 -7.00
CA LYS A 150 -10.57 -4.46 -7.00
C LYS A 150 -9.83 -4.78 -8.32
N PHE A 151 -8.51 -4.83 -8.26
CA PHE A 151 -7.67 -5.10 -9.39
C PHE A 151 -7.25 -6.58 -9.45
N TYR A 152 -7.73 -7.39 -8.50
CA TYR A 152 -7.38 -8.82 -8.50
C TYR A 152 -8.47 -9.61 -9.22
N GLN A 153 -8.07 -10.37 -10.24
CA GLN A 153 -8.99 -11.22 -10.99
CA GLN A 153 -9.00 -11.23 -10.97
C GLN A 153 -8.60 -12.70 -10.84
N LEU A 154 -9.61 -13.54 -10.96
CA LEU A 154 -9.43 -14.98 -11.01
C LEU A 154 -8.67 -15.37 -12.29
NI NI B . 3.72 11.45 -14.19
S SO4 C . -3.24 19.96 -5.09
O1 SO4 C . -3.76 19.37 -3.82
O2 SO4 C . -1.85 19.53 -5.16
O3 SO4 C . -4.05 19.40 -6.18
O4 SO4 C . -3.35 21.43 -4.92
S SO4 D . -4.06 -14.10 -16.06
O1 SO4 D . -3.71 -15.18 -17.01
O2 SO4 D . -3.57 -14.45 -14.73
O3 SO4 D . -3.47 -12.82 -16.51
O4 SO4 D . -5.54 -13.96 -16.02
#